data_4QSF
#
_entry.id   4QSF
#
_cell.length_a   101.269
_cell.length_b   101.269
_cell.length_c   65.493
_cell.angle_alpha   90.00
_cell.angle_beta   90.00
_cell.angle_gamma   120.00
#
_symmetry.space_group_name_H-M   'P 32 2 1'
#
loop_
_entity.id
_entity.type
_entity.pdbx_description
1 polymer 'Amidohydrolase Pmi1525'
2 non-polymer 'MANGANESE (II) ION'
3 non-polymer 'butanoic acid'
4 non-polymer 'SULFATE ION'
5 water water
#
_entity_poly.entity_id   1
_entity_poly.type   'polypeptide(L)'
_entity_poly.pdbx_seq_one_letter_code
;MKGYIQTVTGPVKKADMGLTLPHEHLFNDLSGVVDEPFYEFSHVLVDKKVSADIQWGLKYDPYCCCDNMDKKPIEDVIFE
LNNFKELGGKTIVDATGSSSIGRDIRKLKQVAELTGINVVASSGLYIEKFEGKRLADDIDAMAKMIDDELNIGIDGTDIR
AGMIGEIGVSPFFTDGEKNSLRAAALAQNNNPYASMNIHMPGWQRRGDEVLDILLTEMGCDPAKISLAHSDPSGKDIDYQ
CKMLDRGVWLEFDMIGLDISFPKEGAAPSVMDTVEAVATLIERGYGNQIVLSHDVFLKQMWAKNGGNGWGFVPNVFLSLL
AQRGIDKTIIDKLCIDNPANLLAAENLYFQSHHHHHHWSHPQFEK
;
_entity_poly.pdbx_strand_id   A
#
# COMPACT_ATOMS: atom_id res chain seq x y z
N MET A 1 -11.86 17.95 10.36
CA MET A 1 -13.24 17.67 10.81
CA MET A 1 -13.26 17.71 10.79
C MET A 1 -13.99 16.93 9.73
N LYS A 2 -15.04 16.23 10.14
CA LYS A 2 -15.85 15.46 9.24
C LYS A 2 -15.03 14.50 8.35
N GLY A 3 -14.03 13.89 8.96
CA GLY A 3 -13.18 12.94 8.22
C GLY A 3 -13.96 11.84 7.57
N TYR A 4 -13.54 11.45 6.39
CA TYR A 4 -14.16 10.38 5.60
C TYR A 4 -13.18 9.91 4.54
N ILE A 5 -13.53 8.76 3.96
CA ILE A 5 -12.77 8.16 2.82
CA ILE A 5 -12.79 8.34 2.77
C ILE A 5 -13.72 8.04 1.60
N GLN A 6 -13.27 8.42 0.41
CA GLN A 6 -14.03 8.19 -0.78
C GLN A 6 -13.71 6.78 -1.25
N THR A 7 -14.70 5.89 -1.18
CA THR A 7 -14.58 4.54 -1.67
C THR A 7 -15.14 4.49 -3.09
N VAL A 8 -15.01 3.32 -3.68
CA VAL A 8 -15.47 3.08 -5.05
C VAL A 8 -17.00 3.08 -5.17
N THR A 9 -17.70 3.01 -4.04
CA THR A 9 -19.17 3.16 -4.03
C THR A 9 -19.66 4.39 -3.26
N GLY A 10 -18.75 5.28 -2.86
CA GLY A 10 -19.09 6.56 -2.25
C GLY A 10 -18.37 6.80 -0.93
N PRO A 11 -18.70 7.92 -0.26
CA PRO A 11 -18.01 8.31 0.97
C PRO A 11 -18.36 7.49 2.18
N VAL A 12 -17.35 7.17 2.99
CA VAL A 12 -17.54 6.47 4.27
C VAL A 12 -16.91 7.31 5.37
N LYS A 13 -17.67 7.58 6.42
CA LYS A 13 -17.14 8.39 7.51
C LYS A 13 -16.04 7.68 8.24
N LYS A 14 -15.08 8.44 8.77
CA LYS A 14 -13.93 7.88 9.49
C LYS A 14 -14.34 6.88 10.56
N ALA A 15 -15.34 7.22 11.35
CA ALA A 15 -15.77 6.36 12.46
C ALA A 15 -16.38 5.04 12.06
N ASP A 16 -16.75 4.90 10.78
CA ASP A 16 -17.42 3.72 10.23
C ASP A 16 -16.47 2.78 9.46
N MET A 17 -15.17 3.13 9.42
CA MET A 17 -14.20 2.33 8.68
C MET A 17 -13.87 0.94 9.25
N GLY A 18 -13.98 0.80 10.57
CA GLY A 18 -13.61 -0.43 11.25
C GLY A 18 -12.24 -0.98 10.94
N LEU A 19 -12.09 -2.29 11.01
CA LEU A 19 -10.86 -2.99 10.78
C LEU A 19 -10.48 -2.72 9.30
N THR A 20 -9.34 -2.07 9.11
CA THR A 20 -8.94 -1.51 7.80
C THR A 20 -7.51 -1.96 7.44
N LEU A 21 -7.29 -2.33 6.18
CA LEU A 21 -5.96 -2.66 5.66
C LEU A 21 -5.59 -1.57 4.65
N PRO A 22 -4.60 -0.74 4.98
CA PRO A 22 -4.32 0.45 4.19
C PRO A 22 -3.40 0.29 2.99
N HIS A 23 -2.84 -0.90 2.76
CA HIS A 23 -1.94 -1.10 1.61
C HIS A 23 -2.00 -2.51 1.12
N GLU A 24 -2.83 -2.71 0.07
CA GLU A 24 -3.00 -4.02 -0.54
C GLU A 24 -3.18 -3.85 -2.03
N HIS A 25 -3.11 -4.95 -2.79
CA HIS A 25 -3.46 -4.90 -4.20
C HIS A 25 -4.50 -5.96 -4.46
N LEU A 26 -5.70 -5.53 -4.88
CA LEU A 26 -6.77 -6.47 -5.21
C LEU A 26 -6.63 -6.87 -6.67
N PHE A 27 -6.48 -5.87 -7.54
CA PHE A 27 -6.34 -6.10 -8.99
C PHE A 27 -5.12 -5.38 -9.49
N ASN A 28 -4.13 -6.16 -9.89
CA ASN A 28 -2.93 -5.61 -10.47
C ASN A 28 -2.43 -6.62 -11.50
N ASP A 29 -1.57 -6.17 -12.39
CA ASP A 29 -1.10 -6.97 -13.50
C ASP A 29 0.32 -6.54 -13.77
N LEU A 30 1.26 -7.45 -13.48
CA LEU A 30 2.67 -7.23 -13.65
C LEU A 30 3.19 -8.06 -14.82
N SER A 31 2.31 -8.32 -15.77
CA SER A 31 2.61 -9.20 -16.91
C SER A 31 3.73 -8.74 -17.80
N GLY A 32 3.94 -7.43 -17.87
CA GLY A 32 4.98 -6.85 -18.70
C GLY A 32 6.35 -6.72 -18.05
N VAL A 33 6.55 -7.42 -16.93
CA VAL A 33 7.86 -7.47 -16.28
C VAL A 33 8.16 -8.84 -15.69
N VAL A 34 7.63 -9.90 -16.31
CA VAL A 34 8.01 -11.25 -15.93
C VAL A 34 9.52 -11.29 -16.16
N ASP A 35 10.25 -11.73 -15.14
CA ASP A 35 11.69 -11.85 -15.24
C ASP A 35 12.08 -13.23 -15.76
N GLU A 36 13.29 -13.35 -16.32
CA GLU A 36 13.81 -14.66 -16.71
C GLU A 36 14.09 -15.48 -15.46
N PRO A 37 13.95 -16.81 -15.55
CA PRO A 37 14.28 -17.60 -14.37
C PRO A 37 15.70 -17.32 -13.84
N PHE A 38 15.82 -17.03 -12.54
CA PHE A 38 17.06 -16.57 -11.92
C PHE A 38 17.97 -17.72 -11.50
N TYR A 39 17.38 -18.84 -11.11
CA TYR A 39 18.14 -19.93 -10.53
C TYR A 39 17.95 -21.18 -11.35
N GLU A 40 18.75 -22.21 -11.06
CA GLU A 40 18.71 -23.44 -11.84
C GLU A 40 17.33 -24.11 -11.72
N PHE A 41 16.69 -23.95 -10.57
CA PHE A 41 15.40 -24.60 -10.34
C PHE A 41 14.20 -23.84 -10.92
N SER A 42 14.40 -22.58 -11.25
CA SER A 42 13.30 -21.63 -11.53
C SER A 42 12.54 -22.00 -12.81
N HIS A 43 13.22 -22.65 -13.75
CA HIS A 43 12.64 -22.92 -15.08
C HIS A 43 11.31 -23.68 -15.02
N VAL A 44 11.17 -24.57 -14.04
CA VAL A 44 9.92 -25.34 -13.91
C VAL A 44 8.76 -24.47 -13.45
N LEU A 45 9.07 -23.30 -12.87
CA LEU A 45 8.02 -22.43 -12.33
C LEU A 45 7.34 -21.59 -13.41
N VAL A 46 8.04 -21.38 -14.52
CA VAL A 46 7.77 -20.27 -15.42
C VAL A 46 6.35 -20.31 -15.98
N ASP A 47 5.94 -21.50 -16.44
CA ASP A 47 4.66 -21.68 -17.10
C ASP A 47 3.64 -22.40 -16.25
N LYS A 48 3.90 -22.50 -14.94
CA LYS A 48 3.01 -23.23 -14.10
C LYS A 48 2.00 -22.28 -13.46
N LYS A 49 0.83 -22.81 -13.18
CA LYS A 49 -0.18 -22.06 -12.44
CA LYS A 49 -0.20 -22.07 -12.44
C LYS A 49 0.20 -22.02 -10.97
N VAL A 50 0.02 -20.87 -10.34
CA VAL A 50 0.34 -20.78 -8.92
C VAL A 50 -0.56 -21.69 -8.11
N SER A 51 0.08 -22.56 -7.32
CA SER A 51 -0.62 -23.34 -6.29
C SER A 51 0.30 -23.59 -5.12
N ALA A 52 -0.25 -24.18 -4.09
CA ALA A 52 0.47 -24.54 -2.85
C ALA A 52 1.70 -25.38 -3.18
N ASP A 53 1.61 -26.16 -4.26
CA ASP A 53 2.66 -27.13 -4.64
C ASP A 53 3.95 -26.55 -5.19
N ILE A 54 3.97 -25.26 -5.51
CA ILE A 54 5.14 -24.59 -5.99
C ILE A 54 5.56 -23.43 -5.09
N GLN A 55 4.94 -23.29 -3.92
CA GLN A 55 5.44 -22.28 -2.93
C GLN A 55 6.95 -22.46 -2.69
N TRP A 56 7.40 -23.72 -2.66
CA TRP A 56 8.83 -24.05 -2.43
C TRP A 56 9.73 -23.16 -3.25
N GLY A 57 9.31 -22.90 -4.49
CA GLY A 57 10.11 -22.15 -5.42
C GLY A 57 9.75 -20.68 -5.56
N LEU A 58 8.46 -20.39 -5.59
CA LEU A 58 7.97 -19.04 -5.72
C LEU A 58 8.47 -18.13 -4.60
N LYS A 59 8.73 -18.71 -3.44
CA LYS A 59 9.29 -17.93 -2.32
CA LYS A 59 9.27 -17.91 -2.33
C LYS A 59 10.72 -17.48 -2.56
N TYR A 60 11.35 -17.97 -3.63
CA TYR A 60 12.73 -17.53 -3.98
C TYR A 60 12.83 -16.91 -5.37
N ASP A 61 11.81 -17.09 -6.20
CA ASP A 61 11.83 -16.49 -7.53
C ASP A 61 10.41 -16.22 -7.97
N PRO A 62 9.74 -15.26 -7.30
CA PRO A 62 8.33 -14.99 -7.56
C PRO A 62 8.04 -14.44 -8.95
N TYR A 63 8.98 -13.69 -9.51
CA TYR A 63 8.69 -12.87 -10.70
C TYR A 63 8.91 -13.60 -12.02
N CYS A 64 9.46 -14.81 -11.96
CA CYS A 64 9.66 -15.63 -13.16
C CYS A 64 8.40 -16.39 -13.58
N CYS A 65 7.42 -16.47 -12.69
CA CYS A 65 6.23 -17.27 -12.94
C CYS A 65 5.12 -16.39 -13.57
N CYS A 66 4.79 -16.59 -14.85
CA CYS A 66 3.84 -15.71 -15.52
C CYS A 66 2.49 -15.61 -14.80
N ASP A 67 1.93 -16.73 -14.40
CA ASP A 67 0.61 -16.74 -13.75
C ASP A 67 0.61 -15.87 -12.51
N ASN A 68 1.72 -15.92 -11.76
CA ASN A 68 1.86 -15.18 -10.49
C ASN A 68 1.78 -13.69 -10.68
N MET A 69 2.15 -13.25 -11.88
CA MET A 69 2.32 -11.88 -12.27
C MET A 69 1.13 -11.35 -13.12
N ASP A 70 0.20 -12.24 -13.43
CA ASP A 70 -0.94 -11.91 -14.33
C ASP A 70 -2.14 -11.34 -13.59
N LYS A 71 -3.14 -10.92 -14.35
CA LYS A 71 -4.32 -10.36 -13.69
C LYS A 71 -5.00 -11.33 -12.74
N LYS A 72 -5.73 -10.74 -11.79
CA LYS A 72 -6.28 -11.45 -10.69
C LYS A 72 -7.78 -11.73 -10.92
N PRO A 73 -8.17 -13.01 -11.04
CA PRO A 73 -9.58 -13.29 -11.31
C PRO A 73 -10.46 -12.83 -10.18
N ILE A 74 -11.60 -12.21 -10.50
CA ILE A 74 -12.46 -11.71 -9.46
C ILE A 74 -12.90 -12.77 -8.44
N GLU A 75 -13.12 -14.01 -8.90
CA GLU A 75 -13.53 -15.14 -8.04
CA GLU A 75 -13.60 -15.01 -7.97
C GLU A 75 -12.50 -15.36 -6.94
N ASP A 76 -11.24 -15.27 -7.35
CA ASP A 76 -10.13 -15.51 -6.41
C ASP A 76 -10.01 -14.36 -5.39
N VAL A 77 -10.13 -13.13 -5.88
CA VAL A 77 -10.13 -11.93 -5.01
C VAL A 77 -11.28 -11.97 -4.01
N ILE A 78 -12.50 -12.30 -4.44
CA ILE A 78 -13.62 -12.36 -3.50
C ILE A 78 -13.42 -13.46 -2.45
N PHE A 79 -12.96 -14.65 -2.86
CA PHE A 79 -12.68 -15.72 -1.90
C PHE A 79 -11.73 -15.27 -0.76
N GLU A 80 -10.65 -14.63 -1.17
CA GLU A 80 -9.64 -14.13 -0.23
C GLU A 80 -10.15 -13.01 0.64
N LEU A 81 -10.97 -12.15 0.07
CA LEU A 81 -11.63 -11.06 0.82
C LEU A 81 -12.60 -11.59 1.85
N ASN A 82 -13.31 -12.68 1.53
CA ASN A 82 -14.26 -13.23 2.48
C ASN A 82 -13.57 -13.69 3.75
N ASN A 83 -12.32 -14.14 3.64
CA ASN A 83 -11.43 -14.34 4.81
C ASN A 83 -11.33 -13.15 5.75
N PHE A 84 -11.02 -11.98 5.19
CA PHE A 84 -10.88 -10.77 5.96
C PHE A 84 -12.23 -10.36 6.57
N LYS A 85 -13.28 -10.46 5.76
CA LYS A 85 -14.62 -10.13 6.20
C LYS A 85 -14.99 -10.94 7.44
N GLU A 86 -14.61 -12.22 7.48
CA GLU A 86 -15.03 -13.11 8.57
C GLU A 86 -14.48 -12.66 9.93
N LEU A 87 -13.34 -11.95 9.89
CA LEU A 87 -12.68 -11.41 11.08
C LEU A 87 -13.16 -10.02 11.44
N GLY A 88 -14.21 -9.54 10.79
CA GLY A 88 -14.72 -8.19 11.00
C GLY A 88 -14.04 -7.15 10.10
N GLY A 89 -13.30 -7.62 9.12
CA GLY A 89 -12.72 -6.71 8.12
C GLY A 89 -13.80 -5.87 7.45
N LYS A 90 -13.62 -4.54 7.42
CA LYS A 90 -14.63 -3.65 6.88
C LYS A 90 -14.13 -2.80 5.69
N THR A 91 -12.82 -2.50 5.66
CA THR A 91 -12.27 -1.58 4.66
C THR A 91 -10.90 -2.04 4.16
N ILE A 92 -10.67 -1.92 2.85
CA ILE A 92 -9.40 -2.33 2.27
C ILE A 92 -9.02 -1.30 1.19
N VAL A 93 -7.74 -0.97 1.15
CA VAL A 93 -7.21 -0.03 0.18
C VAL A 93 -6.44 -0.77 -0.88
N ASP A 94 -6.85 -0.59 -2.13
CA ASP A 94 -6.08 -1.04 -3.29
C ASP A 94 -5.15 0.07 -3.71
N ALA A 95 -3.84 -0.17 -3.56
CA ALA A 95 -2.79 0.84 -3.77
C ALA A 95 -2.24 0.74 -5.18
N THR A 96 -3.01 0.13 -6.08
CA THR A 96 -2.67 0.07 -7.50
C THR A 96 -3.11 1.33 -8.17
N GLY A 97 -2.22 2.34 -8.21
CA GLY A 97 -2.65 3.68 -8.53
C GLY A 97 -2.54 4.09 -9.99
N SER A 98 -2.07 3.17 -10.80
CA SER A 98 -1.74 3.48 -12.16
C SER A 98 -2.10 2.35 -13.12
N SER A 99 -2.42 2.77 -14.35
CA SER A 99 -2.61 1.77 -15.41
C SER A 99 -1.30 0.98 -15.70
N SER A 100 -0.16 1.54 -15.33
CA SER A 100 1.14 0.84 -15.50
C SER A 100 1.24 -0.49 -14.83
N ILE A 101 0.47 -0.64 -13.74
CA ILE A 101 0.45 -1.83 -12.91
C ILE A 101 -0.94 -2.48 -12.82
N GLY A 102 -1.81 -2.15 -13.79
CA GLY A 102 -3.02 -2.89 -14.00
C GLY A 102 -4.19 -2.51 -13.13
N ARG A 103 -4.28 -1.27 -12.69
CA ARG A 103 -5.44 -0.84 -11.88
C ARG A 103 -6.74 -1.22 -12.61
N ASP A 104 -7.71 -1.73 -11.88
CA ASP A 104 -9.01 -2.14 -12.52
C ASP A 104 -10.16 -1.61 -11.68
N ILE A 105 -10.48 -0.36 -11.96
CA ILE A 105 -11.44 0.41 -11.17
C ILE A 105 -12.82 -0.26 -11.23
N ARG A 106 -13.19 -0.81 -12.39
CA ARG A 106 -14.51 -1.44 -12.49
C ARG A 106 -14.62 -2.71 -11.65
N LYS A 107 -13.58 -3.57 -11.63
CA LYS A 107 -13.59 -4.76 -10.75
C LYS A 107 -13.55 -4.40 -9.27
N LEU A 108 -12.85 -3.32 -8.92
CA LEU A 108 -12.85 -2.84 -7.53
C LEU A 108 -14.29 -2.53 -7.08
N LYS A 109 -15.03 -1.79 -7.90
CA LYS A 109 -16.44 -1.50 -7.60
CA LYS A 109 -16.44 -1.50 -7.59
C LYS A 109 -17.24 -2.79 -7.53
N GLN A 110 -17.04 -3.69 -8.49
CA GLN A 110 -17.73 -4.99 -8.47
CA GLN A 110 -17.77 -4.96 -8.44
C GLN A 110 -17.53 -5.72 -7.15
N VAL A 111 -16.30 -5.79 -6.70
CA VAL A 111 -16.00 -6.48 -5.44
C VAL A 111 -16.59 -5.78 -4.22
N ALA A 112 -16.59 -4.46 -4.21
CA ALA A 112 -17.23 -3.73 -3.10
C ALA A 112 -18.73 -4.08 -3.02
N GLU A 113 -19.39 -4.09 -4.17
CA GLU A 113 -20.84 -4.37 -4.22
C GLU A 113 -21.17 -5.79 -3.80
N LEU A 114 -20.37 -6.73 -4.27
CA LEU A 114 -20.58 -8.14 -3.94
C LEU A 114 -20.30 -8.50 -2.48
N THR A 115 -19.32 -7.84 -1.85
CA THR A 115 -18.82 -8.24 -0.54
C THR A 115 -19.30 -7.32 0.56
N GLY A 116 -19.67 -6.09 0.23
CA GLY A 116 -20.08 -5.10 1.22
C GLY A 116 -18.87 -4.48 1.92
N ILE A 117 -17.68 -4.87 1.50
CA ILE A 117 -16.43 -4.31 2.06
C ILE A 117 -16.24 -2.94 1.44
N ASN A 118 -15.79 -1.96 2.24
CA ASN A 118 -15.46 -0.61 1.74
C ASN A 118 -14.12 -0.79 0.98
N VAL A 119 -14.10 -0.48 -0.32
CA VAL A 119 -12.92 -0.64 -1.15
C VAL A 119 -12.48 0.74 -1.63
N VAL A 120 -11.25 1.12 -1.30
CA VAL A 120 -10.70 2.40 -1.66
C VAL A 120 -9.69 2.17 -2.82
N ALA A 121 -9.90 2.92 -3.90
CA ALA A 121 -8.98 2.95 -5.06
C ALA A 121 -7.98 4.06 -4.86
N SER A 122 -6.89 3.99 -5.61
CA SER A 122 -5.80 4.93 -5.52
C SER A 122 -5.49 5.56 -6.89
N SER A 123 -4.87 6.70 -6.82
CA SER A 123 -4.32 7.45 -7.96
C SER A 123 -2.92 7.85 -7.68
N GLY A 124 -2.00 7.45 -8.57
CA GLY A 124 -0.62 7.79 -8.39
C GLY A 124 0.28 7.06 -9.34
N LEU A 125 1.32 7.73 -9.82
CA LEU A 125 2.24 7.05 -10.76
C LEU A 125 3.30 6.28 -10.00
N TYR A 126 3.67 5.14 -10.58
CA TYR A 126 4.61 4.21 -9.98
C TYR A 126 6.07 4.56 -10.42
N ILE A 127 6.97 3.60 -10.28
CA ILE A 127 8.39 3.88 -10.56
C ILE A 127 8.62 4.03 -12.05
N GLU A 128 9.74 4.63 -12.40
CA GLU A 128 10.05 4.92 -13.77
C GLU A 128 10.16 3.65 -14.59
N LYS A 129 10.56 2.56 -13.95
CA LYS A 129 10.73 1.26 -14.66
C LYS A 129 9.44 0.87 -15.37
N PHE A 130 8.30 1.16 -14.73
CA PHE A 130 6.96 0.89 -15.29
C PHE A 130 6.37 2.10 -16.06
N GLU A 131 6.60 3.30 -15.59
CA GLU A 131 5.95 4.49 -16.11
C GLU A 131 6.61 5.17 -17.32
N GLY A 132 7.93 5.02 -17.45
CA GLY A 132 8.67 5.68 -18.48
C GLY A 132 8.46 7.15 -18.55
N LYS A 133 8.16 7.63 -19.77
CA LYS A 133 7.97 9.02 -20.05
C LYS A 133 6.79 9.69 -19.37
N ARG A 134 5.88 8.89 -18.83
CA ARG A 134 4.73 9.45 -18.10
C ARG A 134 5.18 10.29 -16.91
N LEU A 135 6.36 10.01 -16.38
CA LEU A 135 6.88 10.82 -15.25
C LEU A 135 7.55 12.12 -15.69
N ALA A 136 7.83 12.24 -16.98
CA ALA A 136 8.47 13.42 -17.55
C ALA A 136 7.45 14.50 -17.95
N ASP A 137 6.16 14.24 -17.73
CA ASP A 137 5.15 15.27 -18.00
C ASP A 137 5.28 16.48 -17.06
N ASP A 138 4.63 17.57 -17.40
CA ASP A 138 4.59 18.77 -16.61
C ASP A 138 3.99 18.39 -15.24
N ILE A 139 4.57 18.91 -14.16
CA ILE A 139 4.11 18.58 -12.81
C ILE A 139 2.66 19.00 -12.65
N ASP A 140 2.28 20.17 -13.16
CA ASP A 140 0.88 20.59 -13.09
C ASP A 140 -0.08 19.62 -13.78
N ALA A 141 0.32 19.09 -14.93
CA ALA A 141 -0.49 18.13 -15.64
C ALA A 141 -0.68 16.84 -14.85
N MET A 142 0.41 16.37 -14.25
CA MET A 142 0.38 15.15 -13.45
C MET A 142 -0.51 15.34 -12.23
N ALA A 143 -0.41 16.50 -11.60
CA ALA A 143 -1.23 16.83 -10.46
C ALA A 143 -2.70 16.93 -10.84
N LYS A 144 -2.98 17.55 -11.96
CA LYS A 144 -4.35 17.63 -12.45
C LYS A 144 -4.97 16.23 -12.64
N MET A 145 -4.17 15.30 -13.18
CA MET A 145 -4.64 13.92 -13.39
C MET A 145 -5.05 13.28 -12.07
N ILE A 146 -4.20 13.40 -11.08
CA ILE A 146 -4.49 12.85 -9.76
C ILE A 146 -5.75 13.54 -9.14
N ASP A 147 -5.79 14.84 -9.25
CA ASP A 147 -6.96 15.60 -8.77
C ASP A 147 -8.26 15.10 -9.43
N ASP A 148 -8.22 14.93 -10.77
CA ASP A 148 -9.41 14.42 -11.48
C ASP A 148 -9.82 13.02 -11.07
N GLU A 149 -8.86 12.13 -10.81
CA GLU A 149 -9.14 10.77 -10.39
C GLU A 149 -9.73 10.73 -8.97
N LEU A 150 -9.31 11.67 -8.12
CA LEU A 150 -9.91 11.76 -6.79
C LEU A 150 -11.31 12.36 -6.78
N ASN A 151 -11.58 13.30 -7.67
CA ASN A 151 -12.81 14.13 -7.56
C ASN A 151 -13.87 13.85 -8.62
N ILE A 152 -13.46 13.39 -9.79
CA ILE A 152 -14.38 13.15 -10.92
CA ILE A 152 -14.37 13.16 -10.95
C ILE A 152 -14.54 11.65 -11.24
N GLY A 153 -13.42 10.98 -11.50
CA GLY A 153 -13.42 9.56 -11.69
C GLY A 153 -12.25 9.06 -12.49
N ILE A 154 -12.23 7.74 -12.68
CA ILE A 154 -11.12 7.02 -13.29
C ILE A 154 -11.55 6.34 -14.58
N ASP A 155 -10.72 6.51 -15.59
CA ASP A 155 -10.81 5.73 -16.84
C ASP A 155 -12.17 5.92 -17.53
N GLY A 156 -12.69 7.12 -17.43
CA GLY A 156 -13.95 7.45 -18.09
C GLY A 156 -15.16 7.19 -17.23
N THR A 157 -14.96 6.57 -16.06
CA THR A 157 -16.05 6.28 -15.14
C THR A 157 -16.29 7.40 -14.14
N ASP A 158 -17.32 7.23 -13.32
CA ASP A 158 -17.54 8.13 -12.21
C ASP A 158 -17.03 7.52 -10.92
N ILE A 159 -16.18 6.51 -11.00
CA ILE A 159 -15.64 5.86 -9.80
C ILE A 159 -14.33 6.56 -9.45
N ARG A 160 -14.24 7.04 -8.21
CA ARG A 160 -13.16 7.90 -7.76
C ARG A 160 -12.18 7.13 -6.84
N ALA A 161 -10.94 7.62 -6.84
CA ALA A 161 -9.94 7.22 -5.87
C ALA A 161 -10.13 7.95 -4.55
N GLY A 162 -9.56 7.35 -3.51
CA GLY A 162 -9.60 7.90 -2.14
C GLY A 162 -8.22 8.06 -1.50
N MET A 163 -7.15 7.70 -2.23
CA MET A 163 -5.78 7.79 -1.76
C MET A 163 -4.89 8.15 -2.96
N ILE A 164 -3.89 8.93 -2.66
CA ILE A 164 -2.81 9.27 -3.60
C ILE A 164 -1.70 8.28 -3.39
N GLY A 165 -1.39 7.49 -4.41
CA GLY A 165 -0.37 6.52 -4.28
C GLY A 165 -0.63 5.30 -5.12
N GLU A 166 0.21 4.27 -5.00
CA GLU A 166 1.48 4.35 -4.25
C GLU A 166 2.48 5.03 -5.20
N ILE A 167 3.09 6.09 -4.70
CA ILE A 167 3.92 6.95 -5.52
C ILE A 167 5.30 6.29 -5.60
N GLY A 168 5.77 6.05 -6.82
CA GLY A 168 6.97 5.27 -6.99
C GLY A 168 8.29 5.97 -6.76
N VAL A 169 9.01 5.57 -5.70
CA VAL A 169 10.41 5.98 -5.49
C VAL A 169 11.24 4.71 -5.61
N SER A 170 12.04 4.59 -6.70
CA SER A 170 12.86 3.44 -6.96
C SER A 170 14.21 3.56 -6.21
N PRO A 171 14.98 2.49 -6.24
CA PRO A 171 16.33 2.56 -5.66
C PRO A 171 17.27 3.51 -6.37
N PHE A 172 16.85 4.04 -7.54
CA PHE A 172 17.60 5.04 -8.28
C PHE A 172 17.03 6.48 -8.13
N PHE A 173 15.91 6.60 -7.38
CA PHE A 173 15.18 7.89 -7.23
C PHE A 173 15.42 8.85 -8.36
N THR A 174 14.81 8.55 -9.52
CA THR A 174 15.10 9.29 -10.70
C THR A 174 14.50 10.70 -10.69
N ASP A 175 14.94 11.56 -11.62
CA ASP A 175 14.40 12.91 -11.71
C ASP A 175 12.88 12.85 -11.98
N GLY A 176 12.48 11.85 -12.75
CA GLY A 176 11.04 11.64 -13.06
C GLY A 176 10.26 11.28 -11.81
N GLU A 177 10.86 10.41 -11.00
CA GLU A 177 10.26 10.02 -9.73
C GLU A 177 10.15 11.20 -8.79
N LYS A 178 11.17 12.05 -8.77
CA LYS A 178 11.07 13.28 -7.98
C LYS A 178 9.94 14.21 -8.46
N ASN A 179 9.77 14.34 -9.78
CA ASN A 179 8.69 15.11 -10.44
CA ASN A 179 8.70 15.18 -10.26
C ASN A 179 7.31 14.55 -10.02
N SER A 180 7.22 13.23 -10.07
CA SER A 180 6.00 12.48 -9.68
C SER A 180 5.64 12.79 -8.23
N LEU A 181 6.65 12.80 -7.35
CA LEU A 181 6.43 13.13 -5.95
CA LEU A 181 6.44 13.17 -5.94
C LEU A 181 5.90 14.57 -5.78
N ARG A 182 6.48 15.52 -6.52
CA ARG A 182 6.03 16.89 -6.45
C ARG A 182 4.59 17.03 -6.95
N ALA A 183 4.25 16.33 -8.02
CA ALA A 183 2.86 16.34 -8.53
C ALA A 183 1.89 15.77 -7.49
N ALA A 184 2.31 14.70 -6.84
CA ALA A 184 1.48 14.11 -5.78
C ALA A 184 1.25 15.10 -4.65
N ALA A 185 2.29 15.84 -4.31
CA ALA A 185 2.22 16.87 -3.23
C ALA A 185 1.24 17.97 -3.60
N LEU A 186 1.34 18.45 -4.85
CA LEU A 186 0.41 19.47 -5.29
C LEU A 186 -1.03 19.03 -5.25
N ALA A 187 -1.25 17.80 -5.72
CA ALA A 187 -2.59 17.21 -5.65
C ALA A 187 -3.08 17.05 -4.22
N GLN A 188 -2.23 16.57 -3.34
CA GLN A 188 -2.63 16.43 -1.93
C GLN A 188 -3.01 17.79 -1.36
N ASN A 189 -2.23 18.81 -1.67
CA ASN A 189 -2.50 20.12 -1.06
C ASN A 189 -3.78 20.73 -1.58
N ASN A 190 -4.38 20.15 -2.64
CA ASN A 190 -5.69 20.55 -3.13
C ASN A 190 -6.84 19.64 -2.70
N ASN A 191 -6.56 18.64 -1.87
CA ASN A 191 -7.53 17.59 -1.52
C ASN A 191 -7.42 17.29 -0.02
N PRO A 192 -8.23 18.01 0.77
CA PRO A 192 -8.12 18.03 2.23
C PRO A 192 -8.19 16.69 2.98
N TYR A 193 -8.70 15.62 2.37
CA TYR A 193 -8.82 14.35 3.06
C TYR A 193 -7.91 13.26 2.53
N ALA A 194 -7.22 13.51 1.41
CA ALA A 194 -6.42 12.49 0.74
C ALA A 194 -5.07 12.27 1.41
N SER A 195 -4.81 11.05 1.79
CA SER A 195 -3.50 10.65 2.23
C SER A 195 -2.68 10.31 1.01
N MET A 196 -1.37 10.28 1.23
CA MET A 196 -0.37 10.02 0.16
C MET A 196 0.50 8.89 0.70
N ASN A 197 0.54 7.79 -0.04
CA ASN A 197 1.32 6.58 0.24
C ASN A 197 2.49 6.53 -0.71
N ILE A 198 3.71 6.55 -0.16
CA ILE A 198 4.94 6.54 -0.98
C ILE A 198 5.57 5.17 -0.98
N HIS A 199 5.72 4.58 -2.18
CA HIS A 199 6.45 3.36 -2.32
C HIS A 199 7.91 3.69 -2.14
N MET A 200 8.50 3.20 -1.04
CA MET A 200 9.90 3.46 -0.76
C MET A 200 10.72 2.25 -1.15
N PRO A 201 11.99 2.48 -1.53
CA PRO A 201 12.92 1.39 -1.72
C PRO A 201 13.33 0.92 -0.31
N GLY A 202 12.66 -0.14 0.16
CA GLY A 202 12.67 -0.50 1.57
C GLY A 202 14.00 -0.93 2.15
N TRP A 203 14.88 -1.42 1.29
CA TRP A 203 16.23 -1.84 1.71
C TRP A 203 17.25 -0.70 1.58
N GLN A 204 16.79 0.48 1.16
CA GLN A 204 17.53 1.72 1.26
C GLN A 204 17.02 2.61 2.39
N ARG A 205 17.64 3.77 2.55
CA ARG A 205 17.27 4.71 3.59
C ARG A 205 17.07 6.06 2.93
N ARG A 206 16.06 6.17 2.07
CA ARG A 206 15.86 7.39 1.29
C ARG A 206 14.80 8.34 1.91
N GLY A 207 14.36 8.00 3.11
CA GLY A 207 13.28 8.79 3.70
C GLY A 207 13.58 10.28 3.88
N ASP A 208 14.79 10.65 4.30
CA ASP A 208 15.03 12.07 4.52
C ASP A 208 14.95 12.85 3.22
N GLU A 209 15.48 12.30 2.12
CA GLU A 209 15.39 13.07 0.87
C GLU A 209 13.97 13.15 0.30
N VAL A 210 13.19 12.08 0.49
CA VAL A 210 11.76 12.08 0.13
C VAL A 210 11.01 13.15 0.94
N LEU A 211 11.24 13.16 2.25
CA LEU A 211 10.55 14.14 3.10
C LEU A 211 11.06 15.57 2.94
N ASP A 212 12.34 15.73 2.58
CA ASP A 212 12.79 17.08 2.21
C ASP A 212 11.97 17.64 1.04
N ILE A 213 11.60 16.77 0.10
CA ILE A 213 10.73 17.21 -0.96
C ILE A 213 9.30 17.45 -0.50
N LEU A 214 8.68 16.43 0.11
CA LEU A 214 7.27 16.54 0.48
C LEU A 214 7.00 17.57 1.56
N LEU A 215 7.84 17.59 2.60
CA LEU A 215 7.62 18.43 3.77
C LEU A 215 8.25 19.79 3.63
N THR A 216 9.56 19.82 3.46
CA THR A 216 10.31 21.09 3.43
C THR A 216 9.97 21.90 2.17
N GLU A 217 10.08 21.30 1.02
CA GLU A 217 9.84 22.01 -0.24
C GLU A 217 8.35 22.25 -0.55
N MET A 218 7.56 21.18 -0.55
CA MET A 218 6.17 21.28 -0.95
C MET A 218 5.17 21.64 0.15
N GLY A 219 5.61 21.61 1.40
CA GLY A 219 4.79 22.05 2.54
C GLY A 219 3.64 21.16 2.88
N CYS A 220 3.78 19.86 2.63
CA CYS A 220 2.70 18.92 2.93
C CYS A 220 2.52 18.68 4.42
N ASP A 221 1.32 18.27 4.81
CA ASP A 221 1.00 17.89 6.17
C ASP A 221 1.58 16.51 6.43
N PRO A 222 2.59 16.41 7.31
CA PRO A 222 3.19 15.08 7.56
C PRO A 222 2.18 14.01 8.00
N ALA A 223 1.09 14.42 8.68
CA ALA A 223 0.12 13.46 9.21
C ALA A 223 -0.75 12.86 8.13
N LYS A 224 -0.62 13.36 6.90
CA LYS A 224 -1.30 12.76 5.75
C LYS A 224 -0.34 12.00 4.80
N ILE A 225 0.87 11.74 5.26
CA ILE A 225 1.88 11.04 4.44
C ILE A 225 2.26 9.75 5.11
N SER A 226 2.28 8.64 4.37
CA SER A 226 2.78 7.38 4.87
C SER A 226 3.92 6.86 3.99
N LEU A 227 4.97 6.39 4.64
CA LEU A 227 6.10 5.75 3.97
C LEU A 227 5.89 4.23 3.93
N ALA A 228 5.59 3.70 2.75
CA ALA A 228 5.39 2.27 2.54
C ALA A 228 6.72 1.51 2.62
N HIS A 229 6.64 0.21 2.84
CA HIS A 229 7.78 -0.67 2.88
C HIS A 229 8.80 -0.21 3.90
N SER A 230 8.32 0.19 5.09
CA SER A 230 9.21 0.53 6.18
C SER A 230 9.79 -0.72 6.82
N ASP A 231 9.19 -1.88 6.53
CA ASP A 231 9.55 -3.14 7.21
C ASP A 231 11.05 -3.43 7.13
N PRO A 232 11.67 -3.33 5.94
CA PRO A 232 13.07 -3.75 5.89
C PRO A 232 14.06 -2.81 6.56
N SER A 233 13.59 -1.67 7.09
CA SER A 233 14.42 -0.81 7.89
C SER A 233 14.11 -0.96 9.39
N GLY A 234 13.36 -1.99 9.74
CA GLY A 234 12.89 -2.15 11.15
C GLY A 234 14.02 -2.30 12.16
N LYS A 235 15.19 -2.82 11.77
CA LYS A 235 16.30 -2.91 12.73
C LYS A 235 17.02 -1.59 12.91
N ASP A 236 16.75 -0.66 11.99
CA ASP A 236 17.40 0.63 12.01
C ASP A 236 16.56 1.63 12.75
N ILE A 237 16.54 1.46 14.07
CA ILE A 237 15.72 2.30 14.96
C ILE A 237 16.01 3.78 14.84
N ASP A 238 17.27 4.17 14.66
CA ASP A 238 17.61 5.58 14.60
C ASP A 238 16.98 6.22 13.34
N TYR A 239 17.08 5.54 12.20
CA TYR A 239 16.43 5.99 10.95
C TYR A 239 14.92 6.08 11.11
N GLN A 240 14.31 5.01 11.63
CA GLN A 240 12.86 4.98 11.76
C GLN A 240 12.35 6.08 12.72
N CYS A 241 12.98 6.27 13.87
CA CYS A 241 12.58 7.34 14.75
C CYS A 241 12.83 8.73 14.15
N LYS A 242 13.86 8.90 13.33
CA LYS A 242 14.13 10.16 12.63
C LYS A 242 12.97 10.52 11.68
N MET A 243 12.46 9.51 10.99
CA MET A 243 11.32 9.72 10.10
C MET A 243 10.09 10.05 10.94
N LEU A 244 9.87 9.26 11.98
CA LEU A 244 8.67 9.48 12.80
C LEU A 244 8.71 10.87 13.44
N ASP A 245 9.91 11.30 13.79
CA ASP A 245 10.04 12.65 14.39
C ASP A 245 9.68 13.79 13.42
N ARG A 246 9.73 13.55 12.11
CA ARG A 246 9.27 14.49 11.12
C ARG A 246 7.73 14.51 10.92
N GLY A 247 7.05 13.60 11.62
CA GLY A 247 5.60 13.66 11.79
C GLY A 247 4.78 12.70 10.91
N VAL A 248 5.48 11.95 10.06
CA VAL A 248 4.83 11.03 9.10
C VAL A 248 4.50 9.68 9.71
N TRP A 249 3.70 8.91 8.98
CA TRP A 249 3.37 7.55 9.35
C TRP A 249 4.38 6.60 8.75
N LEU A 250 4.83 5.65 9.53
CA LEU A 250 5.57 4.49 9.01
C LEU A 250 4.60 3.33 8.79
N GLU A 251 4.59 2.80 7.57
CA GLU A 251 3.76 1.69 7.20
C GLU A 251 4.62 0.43 7.07
N PHE A 252 4.27 -0.61 7.85
CA PHE A 252 4.84 -1.92 7.80
C PHE A 252 3.83 -2.75 7.04
N ASP A 253 4.03 -2.84 5.71
CA ASP A 253 3.00 -3.36 4.82
C ASP A 253 3.46 -4.67 4.20
N MET A 254 4.54 -5.25 4.74
CA MET A 254 5.06 -6.52 4.22
C MET A 254 4.87 -7.66 5.25
N ILE A 255 3.87 -7.52 6.09
CA ILE A 255 3.73 -8.45 7.18
C ILE A 255 3.17 -9.76 6.63
N GLY A 256 3.94 -10.83 6.82
CA GLY A 256 3.58 -12.11 6.27
C GLY A 256 3.87 -12.29 4.81
N LEU A 257 4.69 -11.40 4.25
CA LEU A 257 5.09 -11.51 2.84
C LEU A 257 5.85 -12.81 2.56
N ASP A 258 6.85 -13.09 3.38
CA ASP A 258 7.54 -14.37 3.41
C ASP A 258 8.13 -14.76 2.04
N ILE A 259 8.77 -13.80 1.38
CA ILE A 259 9.40 -14.03 0.08
C ILE A 259 10.81 -13.46 0.05
N SER A 260 11.70 -14.14 -0.64
CA SER A 260 13.05 -13.65 -0.91
CA SER A 260 13.05 -13.62 -0.93
C SER A 260 13.18 -13.27 -2.39
N PHE A 261 13.50 -12.01 -2.66
CA PHE A 261 13.62 -11.54 -4.03
C PHE A 261 15.08 -11.72 -4.43
N PRO A 262 15.33 -12.24 -5.64
CA PRO A 262 16.72 -12.49 -6.02
C PRO A 262 17.59 -11.23 -6.08
N LYS A 263 17.01 -10.08 -6.45
CA LYS A 263 17.76 -8.81 -6.48
C LYS A 263 17.60 -8.10 -5.14
N GLU A 264 16.42 -7.47 -4.97
CA GLU A 264 16.15 -6.49 -3.92
C GLU A 264 16.40 -6.96 -2.48
N GLY A 265 16.57 -8.26 -2.27
CA GLY A 265 16.83 -8.84 -0.94
C GLY A 265 15.61 -9.57 -0.36
N ALA A 266 15.79 -10.15 0.83
CA ALA A 266 14.74 -10.94 1.47
C ALA A 266 13.90 -10.14 2.47
N ALA A 267 12.57 -10.35 2.48
CA ALA A 267 11.66 -9.65 3.36
C ALA A 267 11.94 -10.00 4.80
N PRO A 268 11.77 -9.03 5.73
CA PRO A 268 11.94 -9.42 7.14
C PRO A 268 10.93 -10.45 7.57
N SER A 269 11.26 -11.22 8.60
CA SER A 269 10.38 -12.21 9.13
C SER A 269 9.30 -11.52 9.93
N VAL A 270 8.20 -12.21 10.15
CA VAL A 270 7.11 -11.70 10.95
C VAL A 270 7.63 -11.36 12.34
N MET A 271 8.44 -12.24 12.91
CA MET A 271 8.98 -11.98 14.24
C MET A 271 9.91 -10.77 14.30
N ASP A 272 10.73 -10.57 13.25
CA ASP A 272 11.52 -9.35 13.11
C ASP A 272 10.62 -8.12 13.23
N THR A 273 9.51 -8.11 12.51
CA THR A 273 8.63 -6.93 12.47
C THR A 273 7.85 -6.77 13.77
N VAL A 274 7.53 -7.90 14.41
CA VAL A 274 6.87 -7.86 15.73
C VAL A 274 7.81 -7.07 16.65
N GLU A 275 9.10 -7.39 16.63
CA GLU A 275 10.07 -6.73 17.51
C GLU A 275 10.22 -5.26 17.15
N ALA A 276 10.32 -4.95 15.86
CA ALA A 276 10.44 -3.56 15.48
C ALA A 276 9.24 -2.71 15.89
N VAL A 277 8.04 -3.19 15.56
CA VAL A 277 6.85 -2.46 15.82
C VAL A 277 6.67 -2.35 17.37
N ALA A 278 6.92 -3.44 18.09
CA ALA A 278 6.79 -3.37 19.56
C ALA A 278 7.73 -2.35 20.13
N THR A 279 8.96 -2.31 19.65
CA THR A 279 9.94 -1.35 20.19
C THR A 279 9.56 0.09 19.85
N LEU A 280 9.05 0.33 18.64
CA LEU A 280 8.57 1.66 18.34
C LEU A 280 7.43 2.10 19.26
N ILE A 281 6.50 1.19 19.57
CA ILE A 281 5.37 1.49 20.47
C ILE A 281 5.92 1.82 21.86
N GLU A 282 6.92 1.06 22.29
CA GLU A 282 7.55 1.32 23.62
C GLU A 282 8.25 2.67 23.66
N ARG A 283 8.68 3.15 22.50
CA ARG A 283 9.31 4.46 22.36
CA ARG A 283 9.33 4.46 22.39
C ARG A 283 8.32 5.61 22.22
N GLY A 284 7.01 5.30 22.20
CA GLY A 284 5.96 6.30 22.17
C GLY A 284 5.35 6.62 20.84
N TYR A 285 5.68 5.82 19.82
CA TYR A 285 5.26 6.16 18.44
C TYR A 285 4.10 5.32 17.94
N GLY A 286 3.37 4.68 18.84
CA GLY A 286 2.29 3.81 18.43
C GLY A 286 1.20 4.46 17.60
N ASN A 287 0.97 5.75 17.79
CA ASN A 287 -0.07 6.48 17.05
C ASN A 287 0.37 6.93 15.64
N GLN A 288 1.57 6.48 15.21
CA GLN A 288 2.14 6.86 13.91
C GLN A 288 2.48 5.65 13.05
N ILE A 289 1.92 4.49 13.41
CA ILE A 289 2.22 3.22 12.73
C ILE A 289 0.96 2.68 12.08
N VAL A 290 1.11 2.18 10.85
CA VAL A 290 0.06 1.36 10.22
C VAL A 290 0.67 0.07 9.67
N LEU A 291 -0.21 -0.92 9.47
CA LEU A 291 0.13 -2.27 9.21
C LEU A 291 -0.66 -2.82 8.02
N SER A 292 0.00 -3.58 7.16
CA SER A 292 -0.71 -4.25 6.07
C SER A 292 0.14 -5.42 5.53
N HIS A 293 -0.37 -6.07 4.48
CA HIS A 293 0.27 -7.22 3.89
C HIS A 293 0.91 -7.01 2.52
N ASP A 294 0.48 -5.99 1.81
CA ASP A 294 0.89 -5.76 0.42
C ASP A 294 0.70 -6.99 -0.42
N VAL A 295 -0.44 -7.64 -0.31
CA VAL A 295 -0.74 -8.76 -1.25
C VAL A 295 -0.60 -8.20 -2.67
N PHE A 296 0.30 -8.78 -3.47
CA PHE A 296 0.52 -8.30 -4.83
C PHE A 296 0.83 -9.37 -5.86
N LEU A 297 0.86 -10.62 -5.41
CA LEU A 297 1.21 -11.82 -6.19
C LEU A 297 0.22 -12.90 -5.82
N LYS A 298 -0.13 -13.76 -6.77
CA LYS A 298 -1.04 -14.83 -6.43
C LYS A 298 -0.53 -15.75 -5.35
N GLN A 299 0.80 -15.90 -5.22
CA GLN A 299 1.35 -16.75 -4.18
C GLN A 299 1.01 -16.31 -2.77
N MET A 300 0.62 -15.05 -2.61
CA MET A 300 0.32 -14.52 -1.31
C MET A 300 -1.08 -14.83 -0.79
N TRP A 301 -1.96 -15.26 -1.69
CA TRP A 301 -3.28 -15.67 -1.31
C TRP A 301 -3.26 -16.88 -0.38
N ALA A 302 -4.12 -16.86 0.64
CA ALA A 302 -4.19 -17.99 1.58
C ALA A 302 -4.57 -19.28 0.88
N LYS A 303 -5.39 -19.20 -0.18
CA LYS A 303 -5.80 -20.43 -0.89
C LYS A 303 -4.61 -21.14 -1.58
N ASN A 304 -3.54 -20.39 -1.83
CA ASN A 304 -2.28 -20.91 -2.32
C ASN A 304 -1.20 -21.25 -1.27
N GLY A 305 -1.55 -21.10 0.02
CA GLY A 305 -0.61 -21.32 1.10
C GLY A 305 0.15 -20.09 1.55
N GLY A 306 -0.23 -18.94 1.02
CA GLY A 306 0.26 -17.65 1.51
C GLY A 306 -0.49 -17.26 2.70
N ASN A 307 -0.29 -16.02 3.19
CA ASN A 307 -0.92 -15.61 4.43
C ASN A 307 -2.18 -14.83 4.27
N GLY A 308 -2.51 -14.44 3.03
CA GLY A 308 -3.80 -13.85 2.77
C GLY A 308 -4.02 -12.48 3.40
N TRP A 309 -5.29 -12.14 3.65
CA TRP A 309 -5.63 -10.82 4.17
C TRP A 309 -6.09 -10.90 5.62
N GLY A 310 -6.04 -12.09 6.22
CA GLY A 310 -6.46 -12.21 7.63
C GLY A 310 -5.28 -12.20 8.60
N PHE A 311 -4.07 -12.24 8.07
CA PHE A 311 -2.88 -12.49 8.85
C PHE A 311 -2.54 -11.36 9.88
N VAL A 312 -2.64 -10.11 9.46
CA VAL A 312 -2.29 -8.94 10.28
C VAL A 312 -3.23 -8.84 11.47
N PRO A 313 -4.55 -8.85 11.23
CA PRO A 313 -5.44 -8.63 12.36
C PRO A 313 -5.57 -9.85 13.25
N ASN A 314 -5.24 -11.03 12.73
CA ASN A 314 -5.39 -12.27 13.50
C ASN A 314 -4.07 -12.65 14.13
N VAL A 315 -3.05 -12.93 13.32
CA VAL A 315 -1.79 -13.44 13.82
C VAL A 315 -0.87 -12.34 14.37
N PHE A 316 -0.60 -11.30 13.57
CA PHE A 316 0.36 -10.30 14.01
C PHE A 316 -0.02 -9.59 15.29
N LEU A 317 -1.32 -9.27 15.41
CA LEU A 317 -1.85 -8.61 16.60
C LEU A 317 -1.70 -9.52 17.82
N SER A 318 -1.89 -10.83 17.63
CA SER A 318 -1.69 -11.81 18.74
C SER A 318 -0.25 -11.89 19.15
N LEU A 319 0.63 -11.89 18.15
CA LEU A 319 2.05 -11.84 18.43
C LEU A 319 2.48 -10.60 19.22
N LEU A 320 1.94 -9.44 18.87
CA LEU A 320 2.26 -8.21 19.59
C LEU A 320 1.78 -8.35 21.06
N ALA A 321 0.58 -8.92 21.24
CA ALA A 321 0.03 -9.15 22.59
C ALA A 321 0.89 -10.09 23.42
N GLN A 322 1.39 -11.19 22.83
CA GLN A 322 2.33 -12.06 23.52
C GLN A 322 3.63 -11.34 23.86
N ARG A 323 4.03 -10.35 23.05
CA ARG A 323 5.25 -9.56 23.27
C ARG A 323 4.99 -8.48 24.33
N GLY A 324 3.76 -8.42 24.83
CA GLY A 324 3.43 -7.59 25.98
C GLY A 324 2.96 -6.19 25.66
N ILE A 325 2.64 -5.92 24.40
CA ILE A 325 2.06 -4.63 24.07
C ILE A 325 0.65 -4.56 24.61
N ASP A 326 0.27 -3.40 25.14
CA ASP A 326 -1.06 -3.21 25.72
C ASP A 326 -2.19 -3.33 24.70
N LYS A 327 -3.26 -3.98 25.11
CA LYS A 327 -4.46 -4.16 24.30
C LYS A 327 -5.05 -2.85 23.76
N THR A 328 -4.96 -1.77 24.52
CA THR A 328 -5.56 -0.52 24.06
C THR A 328 -4.83 -0.02 22.81
N ILE A 329 -3.51 -0.18 22.77
CA ILE A 329 -2.75 0.21 21.59
C ILE A 329 -3.02 -0.77 20.47
N ILE A 330 -3.00 -2.06 20.79
CA ILE A 330 -3.27 -3.11 19.77
C ILE A 330 -4.58 -2.90 19.06
N ASP A 331 -5.61 -2.51 19.80
CA ASP A 331 -6.91 -2.24 19.24
C ASP A 331 -6.91 -1.04 18.30
N LYS A 332 -6.00 -0.09 18.53
CA LYS A 332 -5.90 1.07 17.63
C LYS A 332 -5.14 0.81 16.31
N LEU A 333 -4.25 -0.17 16.30
CA LEU A 333 -3.28 -0.27 15.24
C LEU A 333 -3.94 -0.53 13.88
N CYS A 334 -5.04 -1.29 13.88
CA CYS A 334 -5.75 -1.64 12.63
C CYS A 334 -7.15 -1.01 12.49
N ILE A 335 -7.50 -0.13 13.41
CA ILE A 335 -8.76 0.58 13.38
C ILE A 335 -8.49 2.06 13.41
N ASP A 336 -8.24 2.65 14.58
CA ASP A 336 -8.11 4.11 14.69
C ASP A 336 -6.98 4.69 13.79
N ASN A 337 -5.88 3.98 13.78
CA ASN A 337 -4.63 4.45 13.09
C ASN A 337 -4.85 4.55 11.59
N PRO A 338 -5.28 3.46 10.95
CA PRO A 338 -5.48 3.66 9.50
C PRO A 338 -6.62 4.60 9.18
N ALA A 339 -7.67 4.63 9.99
CA ALA A 339 -8.71 5.60 9.77
C ALA A 339 -8.18 7.04 9.85
N ASN A 340 -7.34 7.34 10.83
CA ASN A 340 -6.74 8.67 10.92
C ASN A 340 -5.83 9.00 9.72
N LEU A 341 -4.96 8.09 9.36
CA LEU A 341 -4.10 8.31 8.21
C LEU A 341 -4.96 8.58 6.97
N LEU A 342 -5.90 7.69 6.71
CA LEU A 342 -6.61 7.76 5.42
C LEU A 342 -7.66 8.84 5.36
N ALA A 343 -8.31 9.16 6.50
CA ALA A 343 -9.56 9.94 6.48
C ALA A 343 -9.53 11.24 7.23
N ALA A 344 -8.53 11.45 8.11
CA ALA A 344 -8.51 12.71 8.82
C ALA A 344 -8.25 13.87 7.92
N GLU A 345 -8.77 15.04 8.25
CA GLU A 345 -8.54 16.20 7.44
C GLU A 345 -7.14 16.73 7.62
N ASN A 346 -6.57 17.13 6.50
CA ASN A 346 -5.30 17.85 6.43
C ASN A 346 -5.34 19.10 7.32
N LEU A 347 -4.30 19.33 8.09
CA LEU A 347 -4.24 20.51 8.95
C LEU A 347 -3.81 21.78 8.26
N TYR A 348 -3.20 21.66 7.07
CA TYR A 348 -2.65 22.80 6.34
C TYR A 348 -3.49 23.31 5.16
N PHE A 349 -4.29 22.41 4.58
CA PHE A 349 -5.07 22.66 3.40
C PHE A 349 -6.46 22.09 3.61
N GLN A 350 -7.41 22.97 3.88
CA GLN A 350 -8.79 22.55 4.18
C GLN A 350 -9.79 22.91 3.09
N SER A 351 -9.33 23.47 1.97
CA SER A 351 -10.21 23.73 0.84
C SER A 351 -9.77 22.96 -0.39
N HIS A 352 -10.74 22.47 -1.15
CA HIS A 352 -10.50 21.94 -2.50
C HIS A 352 -10.78 23.04 -3.52
N HIS A 353 -9.78 23.39 -4.33
CA HIS A 353 -9.96 24.35 -5.46
C HIS A 353 -10.17 23.71 -6.83
N HIS A 354 -10.71 24.52 -7.74
CA HIS A 354 -10.83 24.15 -9.14
C HIS A 354 -9.74 24.84 -9.95
#